data_9CCF
#
_entry.id   9CCF
#
_cell.length_a   43.423
_cell.length_b   67.214
_cell.length_c   68.361
_cell.angle_alpha   90.000
_cell.angle_beta   96.746
_cell.angle_gamma   90.000
#
_symmetry.space_group_name_H-M   'P 1 21 1'
#
_entity_poly.entity_id   1
_entity_poly.type   'polypeptide(L)'
_entity_poly.pdbx_seq_one_letter_code
;MYGGFLRRIRPKLKWDNQGSGSHHWGSKEEEIEKEFEEKKKIIEENLKEAEEEGEEEAAEKLKEALKKLEEAIKLHREGA
NPVEVELEEVTAIILNNLAVLLREGEEELAKELEKAIKLLEEKKDAPEEERLKAIAIAIIRSVLVLIKWEGGKDEETIEE
IEEILENRENLSLEELREAYVRAEIAYLIESGIDPEAAKKVREKYERGAPLEELLKDIEKIEKEAKKREEEKKLEHHHHH
H
;
_entity_poly.pdbx_strand_id   A,B
#
# COMPACT_ATOMS: atom_id res chain seq x y z
N LEU A 6 -2.21 -3.42 -19.84
CA LEU A 6 -1.82 -3.11 -18.47
C LEU A 6 -0.52 -2.29 -18.48
N ARG A 7 0.25 -2.36 -17.39
CA ARG A 7 1.46 -1.55 -17.28
C ARG A 7 2.58 -2.31 -16.60
N ARG A 8 3.78 -1.78 -16.75
CA ARG A 8 5.00 -2.32 -16.15
C ARG A 8 5.81 -1.16 -15.57
N ILE A 9 6.30 -1.34 -14.34
CA ILE A 9 7.20 -0.36 -13.70
C ILE A 9 8.24 -1.13 -12.89
N ARG A 10 9.51 -0.87 -13.17
CA ARG A 10 10.62 -1.52 -12.48
C ARG A 10 11.52 -0.45 -11.88
N PRO A 11 11.37 -0.11 -10.59
CA PRO A 11 12.22 0.95 -10.03
C PRO A 11 13.41 0.40 -9.25
N LYS A 12 14.08 1.28 -8.51
CA LYS A 12 15.18 0.92 -7.62
C LYS A 12 14.78 1.27 -6.20
N LEU A 13 15.18 0.42 -5.26
CA LEU A 13 14.80 0.61 -3.87
C LEU A 13 15.81 1.50 -3.14
N LYS A 14 15.56 1.72 -1.84
CA LYS A 14 16.36 2.61 -1.00
C LYS A 14 16.55 3.99 -1.64
N ILE A 32 7.59 4.90 1.86
CA ILE A 32 7.97 3.67 1.17
C ILE A 32 6.73 2.87 0.80
N GLU A 33 5.73 2.87 1.69
CA GLU A 33 4.46 2.21 1.37
C GLU A 33 3.73 2.88 0.22
N LYS A 34 4.08 4.12 -0.11
CA LYS A 34 3.51 4.78 -1.28
C LYS A 34 3.86 4.03 -2.56
N GLU A 35 4.99 3.33 -2.57
CA GLU A 35 5.36 2.49 -3.70
C GLU A 35 4.36 1.36 -3.88
N PHE A 36 4.30 0.44 -2.90
CA PHE A 36 3.35 -0.66 -2.99
C PHE A 36 1.91 -0.15 -3.11
N GLU A 37 1.66 1.07 -2.63
CA GLU A 37 0.35 1.70 -2.83
C GLU A 37 0.07 1.91 -4.32
N GLU A 38 0.88 2.74 -4.98
CA GLU A 38 0.69 2.98 -6.41
C GLU A 38 0.93 1.72 -7.23
N LYS A 39 1.80 0.82 -6.76
CA LYS A 39 1.99 -0.45 -7.44
C LYS A 39 0.73 -1.30 -7.36
N LYS A 40 0.07 -1.31 -6.21
CA LYS A 40 -1.18 -2.06 -6.07
C LYS A 40 -2.25 -1.48 -6.98
N LYS A 41 -2.31 -0.16 -7.11
CA LYS A 41 -3.31 0.48 -7.96
C LYS A 41 -3.28 -0.07 -9.37
N ILE A 42 -2.07 -0.31 -9.91
CA ILE A 42 -1.96 -0.89 -11.24
C ILE A 42 -2.52 -2.29 -11.26
N ILE A 43 -2.09 -3.14 -10.32
CA ILE A 43 -2.52 -4.54 -10.28
C ILE A 43 -4.02 -4.65 -10.09
N GLU A 44 -4.63 -3.67 -9.43
CA GLU A 44 -6.08 -3.71 -9.19
C GLU A 44 -6.85 -3.57 -10.50
N GLU A 45 -6.68 -2.44 -11.19
CA GLU A 45 -7.36 -2.25 -12.47
C GLU A 45 -6.95 -3.30 -13.48
N ASN A 46 -5.72 -3.80 -13.39
CA ASN A 46 -5.31 -4.93 -14.22
C ASN A 46 -6.20 -6.13 -13.97
N LEU A 47 -6.31 -6.55 -12.70
CA LEU A 47 -7.24 -7.63 -12.36
C LEU A 47 -8.67 -7.23 -12.65
N LYS A 48 -9.00 -5.95 -12.46
CA LYS A 48 -10.33 -5.47 -12.81
C LYS A 48 -10.59 -5.66 -14.30
N GLU A 49 -9.66 -5.22 -15.15
CA GLU A 49 -9.80 -5.45 -16.58
C GLU A 49 -9.65 -6.93 -16.91
N ALA A 50 -8.81 -7.66 -16.19
CA ALA A 50 -8.64 -9.08 -16.46
C ALA A 50 -9.91 -9.85 -16.16
N GLU A 51 -10.63 -9.47 -15.10
CA GLU A 51 -11.89 -10.13 -14.78
C GLU A 51 -13.01 -9.64 -15.68
N GLU A 52 -12.95 -8.39 -16.13
CA GLU A 52 -13.98 -7.90 -17.06
C GLU A 52 -13.81 -8.53 -18.44
N GLU A 53 -12.60 -8.95 -18.79
CA GLU A 53 -12.31 -9.59 -20.06
C GLU A 53 -12.23 -11.10 -19.89
N GLY A 54 -12.22 -11.80 -21.02
CA GLY A 54 -12.07 -13.24 -20.99
C GLY A 54 -10.68 -13.74 -20.65
N GLU A 55 -9.72 -12.83 -20.48
CA GLU A 55 -8.34 -13.20 -20.15
C GLU A 55 -8.30 -13.73 -18.72
N GLU A 56 -8.70 -14.99 -18.57
CA GLU A 56 -8.60 -15.68 -17.29
C GLU A 56 -7.25 -16.31 -17.07
N GLU A 57 -6.50 -16.58 -18.14
CA GLU A 57 -5.11 -17.02 -17.98
C GLU A 57 -4.27 -15.90 -17.39
N ALA A 58 -4.53 -14.66 -17.80
CA ALA A 58 -3.86 -13.52 -17.19
C ALA A 58 -4.39 -13.25 -15.79
N ALA A 59 -5.71 -13.32 -15.61
CA ALA A 59 -6.31 -13.03 -14.31
C ALA A 59 -5.77 -13.95 -13.22
N GLU A 60 -5.43 -15.20 -13.56
CA GLU A 60 -4.76 -16.07 -12.60
C GLU A 60 -3.43 -15.47 -12.18
N LYS A 61 -2.63 -15.03 -13.15
CA LYS A 61 -1.39 -14.34 -12.82
C LYS A 61 -1.64 -13.07 -12.03
N LEU A 62 -2.76 -12.39 -12.33
CA LEU A 62 -3.14 -11.20 -11.57
C LEU A 62 -3.44 -11.56 -10.13
N LYS A 63 -4.22 -12.62 -9.91
CA LYS A 63 -4.42 -13.13 -8.56
C LYS A 63 -3.13 -13.67 -7.98
N GLU A 64 -2.21 -14.13 -8.83
CA GLU A 64 -0.90 -14.61 -8.41
C GLU A 64 0.10 -13.46 -8.21
N ALA A 65 -0.09 -12.34 -8.91
CA ALA A 65 0.78 -11.19 -8.69
C ALA A 65 0.48 -10.53 -7.36
N LEU A 66 -0.79 -10.27 -7.08
CA LEU A 66 -1.17 -9.72 -5.78
C LEU A 66 -0.84 -10.70 -4.66
N LYS A 67 -0.79 -11.99 -4.97
CA LYS A 67 -0.34 -12.98 -3.99
C LYS A 67 1.07 -12.68 -3.52
N LYS A 68 1.98 -12.42 -4.46
CA LYS A 68 3.34 -12.05 -4.11
C LYS A 68 3.46 -10.60 -3.65
N LEU A 69 2.43 -9.78 -3.86
CA LEU A 69 2.43 -8.43 -3.33
C LEU A 69 2.04 -8.41 -1.85
N GLU A 70 1.14 -9.30 -1.45
CA GLU A 70 0.86 -9.45 -0.02
C GLU A 70 2.10 -9.94 0.72
N GLU A 71 2.76 -10.97 0.18
CA GLU A 71 4.03 -11.40 0.74
C GLU A 71 5.09 -10.30 0.66
N ALA A 72 4.86 -9.27 -0.15
CA ALA A 72 5.73 -8.10 -0.18
C ALA A 72 5.30 -7.03 0.81
N ILE A 73 4.00 -6.78 0.92
CA ILE A 73 3.52 -5.77 1.85
C ILE A 73 3.47 -6.31 3.27
N LYS A 74 3.33 -7.63 3.44
CA LYS A 74 3.38 -8.21 4.77
C LYS A 74 4.81 -8.22 5.30
N LEU A 75 5.75 -8.75 4.50
CA LEU A 75 7.14 -8.84 4.93
C LEU A 75 7.76 -7.46 5.17
N HIS A 76 7.16 -6.40 4.62
CA HIS A 76 7.61 -5.06 4.96
C HIS A 76 7.04 -4.59 6.30
N ARG A 77 5.72 -4.72 6.47
CA ARG A 77 5.10 -4.36 7.74
C ARG A 77 5.46 -5.34 8.84
N GLU A 78 5.90 -6.55 8.49
CA GLU A 78 6.40 -7.48 9.51
C GLU A 78 7.78 -7.07 10.01
N GLY A 79 8.58 -6.43 9.17
CA GLY A 79 9.84 -5.87 9.61
C GLY A 79 11.07 -6.54 9.02
N ALA A 80 10.97 -7.05 7.80
CA ALA A 80 12.12 -7.66 7.15
C ALA A 80 12.98 -6.59 6.47
N ASN A 81 14.19 -6.99 6.09
CA ASN A 81 15.09 -6.09 5.39
C ASN A 81 14.65 -5.93 3.94
N PRO A 82 14.99 -4.81 3.30
CA PRO A 82 14.50 -4.55 1.93
C PRO A 82 14.91 -5.58 0.90
N VAL A 83 15.95 -6.38 1.17
CA VAL A 83 16.36 -7.39 0.21
C VAL A 83 15.34 -8.53 0.12
N GLU A 84 14.53 -8.73 1.16
CA GLU A 84 13.47 -9.71 1.14
C GLU A 84 12.14 -9.11 0.71
N VAL A 85 11.92 -7.82 0.99
CA VAL A 85 10.68 -7.16 0.62
C VAL A 85 10.62 -6.94 -0.89
N GLU A 86 11.67 -6.34 -1.46
CA GLU A 86 11.71 -6.12 -2.89
C GLU A 86 11.72 -7.44 -3.66
N LEU A 87 12.28 -8.49 -3.06
CA LEU A 87 12.28 -9.80 -3.71
C LEU A 87 10.86 -10.29 -3.96
N GLU A 88 9.92 -9.94 -3.08
CA GLU A 88 8.51 -10.23 -3.31
C GLU A 88 7.83 -9.12 -4.08
N GLU A 89 8.33 -7.89 -3.97
CA GLU A 89 7.78 -6.79 -4.77
C GLU A 89 8.05 -7.02 -6.25
N VAL A 90 9.31 -7.28 -6.61
CA VAL A 90 9.66 -7.57 -7.99
C VAL A 90 8.94 -8.82 -8.48
N THR A 91 8.79 -9.81 -7.61
CA THR A 91 8.00 -10.98 -7.96
C THR A 91 6.55 -10.58 -8.25
N ALA A 92 6.01 -9.63 -7.50
CA ALA A 92 4.69 -9.08 -7.80
C ALA A 92 4.74 -8.14 -8.99
N ILE A 93 5.85 -7.43 -9.17
CA ILE A 93 6.01 -6.56 -10.33
C ILE A 93 6.00 -7.39 -11.62
N ILE A 94 6.91 -8.36 -11.71
CA ILE A 94 7.03 -9.15 -12.93
C ILE A 94 5.76 -9.94 -13.20
N LEU A 95 5.14 -10.50 -12.16
CA LEU A 95 3.92 -11.28 -12.35
C LEU A 95 2.78 -10.41 -12.85
N ASN A 96 2.63 -9.20 -12.29
CA ASN A 96 1.71 -8.23 -12.88
C ASN A 96 2.09 -7.91 -14.31
N ASN A 97 3.40 -7.90 -14.61
CA ASN A 97 3.90 -7.62 -15.95
C ASN A 97 3.89 -8.86 -16.84
N LEU A 98 3.95 -10.05 -16.25
CA LEU A 98 3.90 -11.28 -17.04
C LEU A 98 2.59 -11.43 -17.78
N ALA A 99 1.47 -11.11 -17.12
CA ALA A 99 0.17 -11.31 -17.73
C ALA A 99 -0.15 -10.26 -18.79
N VAL A 100 0.56 -9.14 -18.80
CA VAL A 100 0.40 -8.16 -19.87
C VAL A 100 0.83 -8.77 -21.20
N LEU A 101 1.98 -9.45 -21.20
CA LEU A 101 2.43 -10.13 -22.41
C LEU A 101 1.50 -11.28 -22.77
N LEU A 102 0.89 -11.93 -21.78
CA LEU A 102 -0.09 -12.97 -22.07
C LEU A 102 -1.36 -12.38 -22.68
N ARG A 103 -1.74 -11.17 -22.28
CA ARG A 103 -2.90 -10.53 -22.90
C ARG A 103 -2.64 -10.16 -24.35
N GLU A 104 -1.39 -9.88 -24.71
CA GLU A 104 -1.02 -9.53 -26.07
C GLU A 104 -0.55 -10.74 -26.87
N GLY A 105 -0.78 -11.95 -26.37
CA GLY A 105 -0.31 -13.14 -27.05
C GLY A 105 1.18 -13.32 -27.04
N GLU A 106 1.92 -12.50 -26.31
CA GLU A 106 3.38 -12.59 -26.26
C GLU A 106 3.82 -13.60 -25.21
N GLU A 107 3.30 -14.83 -25.35
CA GLU A 107 3.72 -15.90 -24.46
C GLU A 107 5.11 -16.42 -24.80
N GLU A 108 5.61 -16.11 -26.00
CA GLU A 108 7.00 -16.43 -26.31
C GLU A 108 7.95 -15.58 -25.48
N LEU A 109 7.61 -14.31 -25.25
CA LEU A 109 8.39 -13.47 -24.36
C LEU A 109 8.00 -13.69 -22.90
N ALA A 110 6.76 -14.12 -22.65
CA ALA A 110 6.34 -14.44 -21.29
C ALA A 110 7.12 -15.62 -20.72
N LYS A 111 7.67 -16.49 -21.59
CA LYS A 111 8.56 -17.53 -21.11
C LYS A 111 9.85 -16.95 -20.54
N GLU A 112 10.30 -15.81 -21.08
CA GLU A 112 11.50 -15.18 -20.55
C GLU A 112 11.27 -14.57 -19.18
N LEU A 113 10.04 -14.15 -18.89
CA LEU A 113 9.73 -13.61 -17.57
C LEU A 113 9.46 -14.71 -16.55
N GLU A 114 8.91 -15.85 -17.00
CA GLU A 114 8.75 -16.98 -16.10
C GLU A 114 10.10 -17.52 -15.62
N LYS A 115 11.12 -17.47 -16.48
CA LYS A 115 12.47 -17.80 -16.03
C LYS A 115 12.96 -16.81 -14.99
N ALA A 116 12.60 -15.53 -15.15
CA ALA A 116 12.94 -14.53 -14.14
C ALA A 116 12.19 -14.82 -12.84
N ILE A 117 10.95 -15.32 -12.93
CA ILE A 117 10.23 -15.72 -11.74
C ILE A 117 10.88 -16.94 -11.10
N LYS A 118 11.25 -17.93 -11.92
CA LYS A 118 11.93 -19.10 -11.39
C LYS A 118 13.24 -18.73 -10.71
N LEU A 119 13.93 -17.72 -11.23
CA LEU A 119 15.13 -17.22 -10.57
C LEU A 119 14.78 -16.45 -9.30
N LEU A 120 13.62 -15.77 -9.29
CA LEU A 120 13.21 -15.05 -8.10
C LEU A 120 12.76 -15.99 -6.99
N GLU A 121 12.15 -17.12 -7.33
CA GLU A 121 11.62 -18.02 -6.32
C GLU A 121 12.71 -18.94 -5.75
N GLU A 122 13.63 -19.40 -6.60
CA GLU A 122 14.67 -20.31 -6.14
C GLU A 122 15.74 -19.62 -5.30
N LYS A 123 15.78 -18.28 -5.30
CA LYS A 123 16.77 -17.54 -4.54
C LYS A 123 16.16 -16.70 -3.43
N LYS A 124 14.91 -17.00 -3.03
CA LYS A 124 14.36 -16.39 -1.84
C LYS A 124 14.91 -17.00 -0.57
N ASP A 125 15.40 -18.25 -0.66
CA ASP A 125 16.18 -18.85 0.42
C ASP A 125 17.64 -18.87 0.01
N ALA A 126 18.21 -17.71 -0.22
CA ALA A 126 19.58 -17.55 -0.69
C ALA A 126 20.24 -16.45 0.13
N PRO A 127 21.59 -16.38 0.10
CA PRO A 127 22.27 -15.29 0.84
C PRO A 127 21.79 -13.91 0.45
N GLU A 128 22.00 -12.93 1.35
CA GLU A 128 21.53 -11.57 1.12
C GLU A 128 22.05 -11.02 -0.21
N GLU A 129 23.29 -11.36 -0.56
CA GLU A 129 23.85 -10.89 -1.83
C GLU A 129 23.34 -11.72 -3.01
N GLU A 130 23.00 -12.98 -2.79
CA GLU A 130 22.38 -13.79 -3.83
C GLU A 130 20.93 -13.42 -4.07
N ARG A 131 20.27 -12.76 -3.11
CA ARG A 131 18.89 -12.33 -3.30
C ARG A 131 18.80 -11.18 -4.29
N LEU A 132 19.47 -10.06 -3.99
CA LEU A 132 19.44 -8.91 -4.88
C LEU A 132 20.17 -9.18 -6.19
N LYS A 133 21.05 -10.18 -6.23
CA LYS A 133 21.69 -10.54 -7.49
C LYS A 133 20.68 -11.06 -8.49
N ALA A 134 19.69 -11.83 -8.03
CA ALA A 134 18.62 -12.29 -8.90
C ALA A 134 17.61 -11.18 -9.19
N ILE A 135 17.36 -10.32 -8.19
CA ILE A 135 16.44 -9.21 -8.39
C ILE A 135 16.94 -8.29 -9.49
N ALA A 136 18.25 -8.05 -9.53
CA ALA A 136 18.84 -7.27 -10.61
C ALA A 136 18.62 -7.94 -11.96
N ILE A 137 18.88 -9.25 -12.02
CA ILE A 137 18.63 -10.00 -13.26
C ILE A 137 17.14 -9.98 -13.59
N ALA A 138 16.29 -10.03 -12.57
CA ALA A 138 14.85 -9.97 -12.80
C ALA A 138 14.44 -8.66 -13.44
N ILE A 139 14.90 -7.53 -12.87
CA ILE A 139 14.58 -6.24 -13.45
C ILE A 139 15.20 -6.09 -14.82
N ILE A 140 16.42 -6.60 -14.99
CA ILE A 140 17.09 -6.52 -16.30
C ILE A 140 16.30 -7.30 -17.35
N ARG A 141 16.00 -8.58 -17.05
CA ARG A 141 15.26 -9.41 -18.00
C ARG A 141 13.91 -8.79 -18.34
N SER A 142 13.25 -8.19 -17.35
CA SER A 142 11.99 -7.52 -17.63
C SER A 142 12.18 -6.33 -18.56
N VAL A 143 13.24 -5.54 -18.34
CA VAL A 143 13.59 -4.51 -19.32
C VAL A 143 13.82 -5.15 -20.67
N LEU A 144 14.52 -6.29 -20.68
CA LEU A 144 14.90 -6.93 -21.94
C LEU A 144 13.67 -7.32 -22.74
N VAL A 145 12.69 -7.98 -22.10
CA VAL A 145 11.51 -8.42 -22.83
C VAL A 145 10.66 -7.23 -23.25
N LEU A 146 10.68 -6.14 -22.48
CA LEU A 146 9.91 -4.97 -22.85
C LEU A 146 10.51 -4.26 -24.05
N ILE A 147 11.84 -4.27 -24.16
CA ILE A 147 12.51 -3.67 -25.30
C ILE A 147 12.13 -4.41 -26.58
N LYS A 148 12.20 -5.74 -26.54
CA LYS A 148 11.84 -6.54 -27.70
C LYS A 148 10.37 -6.35 -28.07
N TRP A 149 9.50 -6.32 -27.06
CA TRP A 149 8.09 -6.02 -27.31
C TRP A 149 7.93 -4.64 -27.90
N GLU A 150 8.49 -3.63 -27.24
CA GLU A 150 8.45 -2.24 -27.73
C GLU A 150 9.61 -1.93 -28.67
N GLY A 151 9.92 -2.85 -29.59
CA GLY A 151 11.01 -2.65 -30.52
C GLY A 151 11.56 -3.95 -31.07
N ASP A 154 21.31 -0.68 -31.13
CA ASP A 154 20.06 -0.94 -30.45
C ASP A 154 19.66 -2.40 -30.55
N GLU A 155 20.28 -3.12 -31.49
CA GLU A 155 20.07 -4.55 -31.66
C GLU A 155 21.19 -5.39 -31.10
N GLU A 156 22.44 -4.97 -31.29
CA GLU A 156 23.57 -5.71 -30.75
C GLU A 156 23.63 -5.57 -29.22
N THR A 157 23.11 -4.48 -28.68
CA THR A 157 23.08 -4.32 -27.22
C THR A 157 22.16 -5.35 -26.57
N ILE A 158 21.12 -5.79 -27.27
CA ILE A 158 20.31 -6.90 -26.77
C ILE A 158 21.14 -8.19 -26.78
N GLU A 159 21.83 -8.45 -27.89
CA GLU A 159 22.78 -9.56 -27.94
C GLU A 159 24.03 -9.28 -27.11
N GLU A 160 24.13 -8.11 -26.48
CA GLU A 160 25.16 -7.83 -25.48
C GLU A 160 24.66 -8.02 -24.07
N ILE A 161 23.41 -7.64 -23.80
CA ILE A 161 22.87 -7.75 -22.44
C ILE A 161 22.32 -9.14 -22.18
N GLU A 162 21.68 -9.77 -23.18
CA GLU A 162 21.15 -11.10 -22.97
C GLU A 162 22.26 -12.13 -22.79
N GLU A 163 23.44 -11.87 -23.35
CA GLU A 163 24.59 -12.73 -23.10
C GLU A 163 25.24 -12.46 -21.75
N ILE A 164 25.04 -11.27 -21.20
CA ILE A 164 25.51 -10.97 -19.85
C ILE A 164 24.78 -11.83 -18.83
N LEU A 165 23.50 -12.12 -19.06
CA LEU A 165 22.71 -12.90 -18.11
C LEU A 165 23.03 -14.39 -18.15
N GLU A 166 23.57 -14.89 -19.26
CA GLU A 166 23.90 -16.31 -19.34
C GLU A 166 25.00 -16.69 -18.36
N ASN A 167 26.00 -15.81 -18.21
CA ASN A 167 27.05 -15.99 -17.21
C ASN A 167 26.82 -15.03 -16.03
N ARG A 168 25.66 -15.19 -15.40
CA ARG A 168 25.26 -14.30 -14.32
C ARG A 168 26.15 -14.44 -13.08
N GLU A 169 26.83 -15.57 -12.91
CA GLU A 169 27.66 -15.77 -11.73
C GLU A 169 29.08 -15.22 -11.90
N ASN A 170 29.54 -15.01 -13.13
CA ASN A 170 30.86 -14.45 -13.37
C ASN A 170 30.90 -12.94 -13.19
N LEU A 171 29.85 -12.34 -12.63
CA LEU A 171 29.70 -10.89 -12.58
C LEU A 171 29.52 -10.42 -11.15
N SER A 172 29.50 -9.10 -10.99
CA SER A 172 29.32 -8.45 -9.71
C SER A 172 28.00 -7.66 -9.70
N LEU A 173 27.67 -7.13 -8.52
CA LEU A 173 26.46 -6.32 -8.41
C LEU A 173 26.63 -4.97 -9.11
N GLU A 174 27.83 -4.39 -9.03
CA GLU A 174 28.09 -3.11 -9.68
C GLU A 174 28.00 -3.22 -11.19
N GLU A 175 28.16 -4.41 -11.75
CA GLU A 175 28.02 -4.62 -13.19
C GLU A 175 26.57 -4.89 -13.59
N LEU A 176 25.80 -5.53 -12.72
CA LEU A 176 24.40 -5.81 -13.03
C LEU A 176 23.54 -4.55 -12.89
N ARG A 177 23.80 -3.74 -11.87
CA ARG A 177 23.11 -2.45 -11.78
C ARG A 177 23.49 -1.53 -12.93
N GLU A 178 24.74 -1.62 -13.42
CA GLU A 178 25.12 -0.89 -14.62
C GLU A 178 24.40 -1.43 -15.84
N ALA A 179 24.26 -2.76 -15.93
CA ALA A 179 23.56 -3.36 -17.07
C ALA A 179 22.10 -2.92 -17.10
N TYR A 180 21.45 -2.90 -15.94
CA TYR A 180 20.10 -2.35 -15.86
C TYR A 180 20.08 -0.88 -16.26
N VAL A 181 21.09 -0.12 -15.85
CA VAL A 181 21.21 1.27 -16.29
C VAL A 181 21.33 1.33 -17.80
N ARG A 182 22.20 0.49 -18.38
CA ARG A 182 22.35 0.45 -19.83
C ARG A 182 21.07 -0.03 -20.49
N ALA A 183 20.42 -1.05 -19.92
CA ALA A 183 19.22 -1.60 -20.54
C ALA A 183 18.04 -0.63 -20.44
N GLU A 184 17.86 0.01 -19.28
CA GLU A 184 16.78 0.97 -19.14
C GLU A 184 16.97 2.16 -20.09
N ILE A 185 18.22 2.58 -20.29
CA ILE A 185 18.51 3.64 -21.26
C ILE A 185 18.11 3.18 -22.66
N ALA A 186 18.49 1.96 -23.02
CA ALA A 186 18.16 1.44 -24.35
C ALA A 186 16.65 1.35 -24.54
N TYR A 187 15.92 1.03 -23.47
CA TYR A 187 14.46 1.03 -23.56
C TYR A 187 13.92 2.44 -23.73
N LEU A 188 14.37 3.37 -22.89
CA LEU A 188 13.91 4.75 -22.99
C LEU A 188 14.32 5.41 -24.30
N ILE A 189 15.31 4.84 -25.00
CA ILE A 189 15.57 5.26 -26.37
C ILE A 189 14.40 4.91 -27.27
N GLU A 190 13.89 3.69 -27.14
CA GLU A 190 12.74 3.21 -27.91
C GLU A 190 11.42 3.37 -27.17
N SER A 191 11.32 4.37 -26.30
CA SER A 191 10.09 4.59 -25.54
C SER A 191 9.01 5.22 -26.42
N PRO A 195 12.49 9.40 -24.30
CA PRO A 195 12.79 10.76 -24.78
C PRO A 195 14.22 10.89 -25.29
N GLU A 196 14.59 12.10 -25.70
CA GLU A 196 15.99 12.39 -26.01
C GLU A 196 16.83 12.55 -24.74
N ALA A 197 16.21 12.63 -23.58
CA ALA A 197 16.91 12.74 -22.31
C ALA A 197 17.52 11.43 -21.85
N ALA A 198 17.38 10.35 -22.63
CA ALA A 198 18.00 9.09 -22.28
C ALA A 198 19.48 9.07 -22.62
N LYS A 199 19.85 9.61 -23.78
CA LYS A 199 21.26 9.68 -24.15
C LYS A 199 22.03 10.68 -23.29
N LYS A 200 21.33 11.61 -22.63
CA LYS A 200 22.00 12.46 -21.65
C LYS A 200 22.52 11.62 -20.49
N VAL A 201 21.70 10.67 -20.01
CA VAL A 201 22.17 9.72 -19.00
C VAL A 201 23.22 8.79 -19.61
N ARG A 202 23.03 8.40 -20.87
CA ARG A 202 24.06 7.64 -21.57
C ARG A 202 25.34 8.45 -21.69
N GLU A 203 25.22 9.76 -21.92
CA GLU A 203 26.40 10.63 -21.92
C GLU A 203 27.10 10.59 -20.57
N LYS A 204 26.33 10.64 -19.48
CA LYS A 204 26.93 10.54 -18.14
C LYS A 204 27.54 9.16 -17.92
N TYR A 205 26.97 8.12 -18.53
CA TYR A 205 27.60 6.81 -18.50
C TYR A 205 28.96 6.84 -19.20
N GLU A 206 29.05 7.58 -20.30
CA GLU A 206 30.30 7.63 -21.05
C GLU A 206 31.36 8.47 -20.35
N ARG A 207 30.95 9.48 -19.60
CA ARG A 207 31.89 10.26 -18.79
C ARG A 207 32.34 9.54 -17.53
N GLY A 208 31.85 8.32 -17.30
CA GLY A 208 32.24 7.56 -16.13
C GLY A 208 31.58 7.99 -14.84
N ALA A 209 30.48 8.75 -14.92
CA ALA A 209 29.77 9.25 -13.76
C ALA A 209 29.44 8.12 -12.79
N PRO A 210 29.39 8.40 -11.49
CA PRO A 210 29.12 7.34 -10.51
C PRO A 210 27.77 6.68 -10.77
N LEU A 211 27.70 5.38 -10.46
CA LEU A 211 26.52 4.59 -10.75
C LEU A 211 25.34 4.96 -9.85
N GLU A 212 25.61 5.54 -8.67
CA GLU A 212 24.51 6.08 -7.87
C GLU A 212 23.84 7.25 -8.56
N GLU A 213 24.59 8.01 -9.36
CA GLU A 213 24.02 9.12 -10.10
C GLU A 213 23.29 8.64 -11.35
N LEU A 214 23.79 7.58 -11.98
CA LEU A 214 23.12 7.01 -13.14
C LEU A 214 21.77 6.39 -12.79
N LEU A 215 21.51 6.16 -11.50
CA LEU A 215 20.19 5.73 -11.06
C LEU A 215 19.27 6.89 -10.76
N LYS A 216 19.82 7.99 -10.24
CA LYS A 216 18.99 9.14 -9.88
C LYS A 216 18.26 9.69 -11.10
N ASP A 217 18.99 9.92 -12.20
CA ASP A 217 18.35 10.42 -13.41
C ASP A 217 17.47 9.36 -14.06
N ILE A 218 17.81 8.09 -13.90
CA ILE A 218 17.00 7.02 -14.50
C ILE A 218 15.68 6.89 -13.75
N GLU A 219 15.73 6.79 -12.42
CA GLU A 219 14.49 6.68 -11.66
C GLU A 219 13.70 7.98 -11.68
N LYS A 220 14.37 9.10 -11.92
CA LYS A 220 13.66 10.36 -12.18
C LYS A 220 12.83 10.23 -13.44
N ILE A 221 13.39 9.64 -14.49
CA ILE A 221 12.63 9.44 -15.73
C ILE A 221 11.41 8.56 -15.47
N GLU A 222 11.57 7.53 -14.63
CA GLU A 222 10.40 6.74 -14.23
C GLU A 222 9.44 7.58 -13.40
N LYS A 223 9.97 8.46 -12.56
CA LYS A 223 9.11 9.40 -11.84
C LYS A 223 8.58 10.49 -12.75
N GLU A 224 9.32 10.81 -13.82
CA GLU A 224 8.81 11.75 -14.82
C GLU A 224 7.54 11.22 -15.47
N ALA A 225 7.52 9.93 -15.78
CA ALA A 225 6.35 9.32 -16.40
C ALA A 225 5.29 8.96 -15.36
N LEU B 6 -2.94 10.09 27.80
CA LEU B 6 -3.72 10.77 26.77
C LEU B 6 -5.12 10.16 26.61
N ARG B 7 -5.79 10.52 25.52
CA ARG B 7 -7.15 10.06 25.26
C ARG B 7 -7.34 9.80 23.79
N ARG B 8 -8.12 8.75 23.47
CA ARG B 8 -8.50 8.42 22.11
C ARG B 8 -10.03 8.40 22.02
N ILE B 9 -10.54 8.50 20.80
CA ILE B 9 -11.98 8.59 20.56
C ILE B 9 -12.41 7.42 19.68
N ARG B 10 -13.64 6.97 19.91
CA ARG B 10 -14.24 5.93 19.08
C ARG B 10 -15.03 6.57 17.96
N PRO B 11 -14.73 6.29 16.69
CA PRO B 11 -15.51 6.89 15.59
C PRO B 11 -16.97 6.49 15.63
N LYS B 12 -17.78 7.33 16.26
CA LYS B 12 -19.22 7.09 16.31
C LYS B 12 -19.80 7.02 14.91
N LEU B 13 -20.64 6.02 14.69
CA LEU B 13 -21.19 5.77 13.36
C LEU B 13 -22.23 6.83 12.99
N LYS B 14 -22.31 7.11 11.69
CA LYS B 14 -23.30 8.06 11.18
C LYS B 14 -23.82 7.65 9.81
N LYS B 34 -22.45 19.67 19.76
CA LYS B 34 -22.45 18.30 19.25
C LYS B 34 -21.17 17.56 19.63
N GLU B 35 -20.94 16.43 18.96
CA GLU B 35 -19.72 15.66 19.20
C GLU B 35 -18.47 16.48 18.95
N PHE B 36 -18.54 17.41 17.99
CA PHE B 36 -17.39 18.27 17.70
C PHE B 36 -16.88 18.95 18.96
N GLU B 37 -17.78 19.57 19.71
CA GLU B 37 -17.44 20.25 20.95
C GLU B 37 -16.67 19.33 21.88
N GLU B 38 -17.34 18.25 22.33
CA GLU B 38 -16.68 17.27 23.20
C GLU B 38 -15.32 16.86 22.65
N LYS B 39 -15.26 16.53 21.36
CA LYS B 39 -14.00 16.11 20.74
C LYS B 39 -12.97 17.23 20.80
N LYS B 40 -13.40 18.47 20.53
CA LYS B 40 -12.48 19.61 20.57
C LYS B 40 -11.82 19.74 21.93
N LYS B 41 -12.62 19.63 23.01
CA LYS B 41 -12.06 19.71 24.34
C LYS B 41 -11.05 18.60 24.58
N ILE B 42 -11.32 17.40 24.06
CA ILE B 42 -10.42 16.27 24.22
C ILE B 42 -9.09 16.55 23.54
N ILE B 43 -9.14 17.05 22.29
CA ILE B 43 -7.92 17.30 21.54
C ILE B 43 -7.10 18.39 22.20
N GLU B 44 -7.75 19.48 22.60
CA GLU B 44 -7.07 20.55 23.31
C GLU B 44 -6.41 20.03 24.58
N GLU B 45 -7.15 19.23 25.36
CA GLU B 45 -6.57 18.66 26.57
C GLU B 45 -5.45 17.68 26.26
N ASN B 46 -5.54 16.98 25.13
CA ASN B 46 -4.40 16.20 24.66
C ASN B 46 -3.26 17.13 24.22
N LEU B 47 -3.60 18.15 23.43
CA LEU B 47 -2.60 19.13 23.02
C LEU B 47 -2.03 19.88 24.23
N LYS B 48 -2.85 20.09 25.26
CA LYS B 48 -2.36 20.69 26.49
C LYS B 48 -1.26 19.82 27.11
N GLU B 49 -1.52 18.52 27.25
CA GLU B 49 -0.52 17.62 27.79
C GLU B 49 0.68 17.48 26.85
N ALA B 50 0.44 17.62 25.54
CA ALA B 50 1.54 17.46 24.58
C ALA B 50 2.50 18.64 24.61
N GLU B 51 2.01 19.84 24.95
CA GLU B 51 2.89 20.98 25.07
C GLU B 51 3.58 21.03 26.43
N GLU B 52 2.87 20.65 27.49
CA GLU B 52 3.49 20.52 28.81
C GLU B 52 4.58 19.46 28.79
N GLU B 53 4.44 18.45 27.93
CA GLU B 53 5.47 17.46 27.70
C GLU B 53 6.29 17.85 26.46
N GLY B 54 7.28 17.04 26.14
CA GLY B 54 8.14 17.26 25.00
C GLY B 54 7.73 16.55 23.73
N GLU B 55 6.54 15.95 23.70
CA GLU B 55 6.06 15.24 22.51
C GLU B 55 5.55 16.23 21.47
N GLU B 56 6.49 17.00 20.93
CA GLU B 56 6.17 17.94 19.88
C GLU B 56 5.85 17.24 18.56
N GLU B 57 6.32 16.02 18.37
CA GLU B 57 5.94 15.24 17.20
C GLU B 57 4.45 14.91 17.23
N ALA B 58 3.91 14.64 18.42
CA ALA B 58 2.49 14.39 18.58
C ALA B 58 1.69 15.67 18.81
N ALA B 59 2.32 16.70 19.39
CA ALA B 59 1.63 17.97 19.59
C ALA B 59 1.21 18.58 18.26
N GLU B 60 2.09 18.51 17.26
CA GLU B 60 1.73 18.98 15.92
C GLU B 60 0.56 18.19 15.36
N LYS B 61 0.53 16.89 15.61
CA LYS B 61 -0.62 16.08 15.19
C LYS B 61 -1.89 16.50 15.91
N LEU B 62 -1.76 16.97 17.16
CA LEU B 62 -2.92 17.47 17.88
C LEU B 62 -3.31 18.87 17.42
N LYS B 63 -2.32 19.70 17.08
CA LYS B 63 -2.63 20.96 16.42
C LYS B 63 -3.28 20.72 15.06
N GLU B 64 -2.76 19.76 14.30
CA GLU B 64 -3.31 19.46 12.98
C GLU B 64 -4.69 18.84 13.08
N ALA B 65 -4.94 18.04 14.13
CA ALA B 65 -6.27 17.44 14.30
C ALA B 65 -7.32 18.51 14.57
N LEU B 66 -6.97 19.59 15.27
CA LEU B 66 -7.90 20.69 15.45
C LEU B 66 -8.21 21.38 14.12
N LYS B 67 -7.27 21.35 13.18
CA LYS B 67 -7.50 21.96 11.87
C LYS B 67 -8.50 21.14 11.06
N LYS B 68 -8.30 19.82 11.02
CA LYS B 68 -9.22 18.97 10.27
C LYS B 68 -10.58 18.87 10.96
N LEU B 69 -10.65 19.11 12.26
CA LEU B 69 -11.95 19.27 12.92
C LEU B 69 -12.49 20.68 12.73
N GLU B 70 -11.60 21.66 12.55
CA GLU B 70 -12.03 22.99 12.14
C GLU B 70 -12.71 22.95 10.78
N GLU B 71 -12.14 22.20 9.83
CA GLU B 71 -12.78 22.02 8.54
C GLU B 71 -14.09 21.25 8.67
N ALA B 72 -14.16 20.32 9.62
CA ALA B 72 -15.39 19.55 9.82
C ALA B 72 -16.53 20.45 10.28
N ILE B 73 -16.26 21.35 11.22
CA ILE B 73 -17.30 22.27 11.67
C ILE B 73 -17.46 23.43 10.70
N LYS B 74 -16.41 23.77 9.94
CA LYS B 74 -16.55 24.76 8.88
C LYS B 74 -17.48 24.24 7.79
N LEU B 75 -17.27 23.00 7.36
CA LEU B 75 -18.14 22.36 6.37
C LEU B 75 -19.52 22.05 6.92
N HIS B 76 -19.72 22.17 8.24
CA HIS B 76 -21.07 22.04 8.79
C HIS B 76 -21.93 23.24 8.43
N ARG B 77 -21.34 24.43 8.42
CA ARG B 77 -22.02 25.63 7.96
C ARG B 77 -21.75 25.98 6.51
N GLU B 78 -20.68 25.42 5.92
CA GLU B 78 -20.40 25.66 4.51
C GLU B 78 -21.47 25.07 3.61
N GLY B 79 -22.18 24.04 4.07
CA GLY B 79 -23.25 23.45 3.28
C GLY B 79 -22.77 22.34 2.35
N ALA B 80 -22.04 21.38 2.89
CA ALA B 80 -21.58 20.22 2.14
C ALA B 80 -22.27 18.96 2.67
N ASN B 81 -22.24 17.92 1.85
CA ASN B 81 -22.84 16.65 2.24
C ASN B 81 -22.13 16.10 3.48
N PRO B 82 -22.86 15.56 4.45
CA PRO B 82 -22.22 15.06 5.67
C PRO B 82 -21.23 13.93 5.43
N VAL B 83 -21.31 13.25 4.29
CA VAL B 83 -20.31 12.24 3.97
C VAL B 83 -18.94 12.90 3.77
N GLU B 84 -18.92 14.15 3.28
CA GLU B 84 -17.68 14.90 3.20
C GLU B 84 -17.32 15.51 4.55
N VAL B 85 -18.32 15.98 5.29
CA VAL B 85 -18.08 16.55 6.62
C VAL B 85 -17.53 15.49 7.57
N GLU B 86 -17.96 14.23 7.40
CA GLU B 86 -17.47 13.17 8.27
C GLU B 86 -16.03 12.79 7.96
N LEU B 87 -15.61 12.92 6.69
CA LEU B 87 -14.23 12.62 6.33
C LEU B 87 -13.27 13.50 7.10
N GLU B 88 -13.60 14.78 7.26
CA GLU B 88 -12.75 15.67 8.05
C GLU B 88 -12.85 15.37 9.54
N GLU B 89 -14.00 14.83 9.98
CA GLU B 89 -14.12 14.42 11.37
C GLU B 89 -13.31 13.16 11.64
N VAL B 90 -13.43 12.16 10.75
CA VAL B 90 -12.64 10.94 10.88
C VAL B 90 -11.15 11.25 10.74
N THR B 91 -10.81 12.18 9.84
CA THR B 91 -9.42 12.61 9.73
C THR B 91 -8.95 13.26 11.02
N ALA B 92 -9.81 14.07 11.65
CA ALA B 92 -9.44 14.71 12.90
C ALA B 92 -9.35 13.69 14.03
N ILE B 93 -10.21 12.67 14.02
CA ILE B 93 -10.17 11.64 15.05
C ILE B 93 -8.90 10.81 14.93
N ILE B 94 -8.59 10.33 13.73
CA ILE B 94 -7.43 9.48 13.55
C ILE B 94 -6.13 10.28 13.72
N LEU B 95 -6.13 11.56 13.33
CA LEU B 95 -4.99 12.41 13.59
C LEU B 95 -4.74 12.55 15.09
N ASN B 96 -5.82 12.68 15.87
CA ASN B 96 -5.67 12.70 17.32
C ASN B 96 -5.11 11.37 17.83
N ASN B 97 -5.70 10.25 17.38
CA ASN B 97 -5.22 8.94 17.81
C ASN B 97 -3.81 8.67 17.29
N LEU B 98 -3.44 9.27 16.15
CA LEU B 98 -2.07 9.16 15.68
C LEU B 98 -1.11 9.79 16.66
N ALA B 99 -1.50 10.92 17.27
CA ALA B 99 -0.65 11.56 18.26
C ALA B 99 -0.55 10.74 19.54
N VAL B 100 -1.60 9.98 19.87
CA VAL B 100 -1.56 9.16 21.08
C VAL B 100 -0.57 8.02 20.92
N LEU B 101 -0.44 7.48 19.71
CA LEU B 101 0.56 6.43 19.48
C LEU B 101 1.97 7.00 19.43
N LEU B 102 2.14 8.23 18.94
CA LEU B 102 3.44 8.87 18.95
C LEU B 102 3.88 9.20 20.38
N ARG B 103 2.93 9.56 21.24
CA ARG B 103 3.23 9.83 22.64
C ARG B 103 3.70 8.57 23.37
N GLU B 104 3.40 7.38 22.85
CA GLU B 104 3.80 6.14 23.49
C GLU B 104 4.78 5.33 22.66
N GLY B 105 5.55 5.99 21.80
CA GLY B 105 6.58 5.34 21.01
C GLY B 105 6.10 4.27 20.05
N GLU B 106 4.80 4.08 19.88
CA GLU B 106 4.28 3.02 19.02
C GLU B 106 4.22 3.51 17.57
N GLU B 107 5.41 3.76 17.00
CA GLU B 107 5.47 4.16 15.60
C GLU B 107 5.18 3.00 14.65
N GLU B 108 5.36 1.75 15.10
CA GLU B 108 5.02 0.60 14.28
C GLU B 108 3.54 0.58 13.94
N LEU B 109 2.69 0.95 14.89
CA LEU B 109 1.25 1.06 14.63
C LEU B 109 0.85 2.45 14.17
N ALA B 110 1.62 3.48 14.54
CA ALA B 110 1.31 4.83 14.11
C ALA B 110 1.51 5.02 12.62
N LYS B 111 2.48 4.32 12.03
CA LYS B 111 2.67 4.38 10.58
C LYS B 111 1.46 3.78 9.85
N GLU B 112 0.74 2.86 10.50
CA GLU B 112 -0.47 2.33 9.89
C GLU B 112 -1.61 3.33 9.93
N LEU B 113 -1.68 4.15 10.98
CA LEU B 113 -2.70 5.18 11.05
C LEU B 113 -2.44 6.28 10.03
N GLU B 114 -1.16 6.60 9.77
CA GLU B 114 -0.85 7.56 8.72
C GLU B 114 -1.30 7.05 7.36
N LYS B 115 -1.17 5.73 7.13
CA LYS B 115 -1.71 5.14 5.91
C LYS B 115 -3.23 5.26 5.86
N ALA B 116 -3.89 5.24 7.02
CA ALA B 116 -5.33 5.45 7.06
C ALA B 116 -5.68 6.92 6.83
N ILE B 117 -4.81 7.84 7.27
CA ILE B 117 -5.06 9.26 7.04
C ILE B 117 -4.80 9.62 5.58
N LYS B 118 -3.77 9.02 4.98
CA LYS B 118 -3.46 9.29 3.58
C LYS B 118 -4.62 8.93 2.67
N LEU B 119 -5.27 7.80 2.92
CA LEU B 119 -6.41 7.40 2.11
C LEU B 119 -7.57 8.38 2.28
N LEU B 120 -7.71 8.98 3.46
CA LEU B 120 -8.75 9.99 3.66
C LEU B 120 -8.42 11.27 2.90
N GLU B 121 -7.15 11.69 2.91
CA GLU B 121 -6.79 12.95 2.27
C GLU B 121 -6.82 12.85 0.76
N GLU B 122 -6.35 11.72 0.20
CA GLU B 122 -6.29 11.56 -1.24
C GLU B 122 -7.64 11.22 -1.86
N LYS B 123 -8.71 11.12 -1.07
CA LYS B 123 -10.02 10.78 -1.58
C LYS B 123 -11.12 11.72 -1.07
N LYS B 124 -10.76 12.92 -0.63
CA LYS B 124 -11.78 13.83 -0.13
C LYS B 124 -12.58 14.47 -1.26
N ASP B 125 -11.99 14.56 -2.45
CA ASP B 125 -12.71 14.97 -3.66
C ASP B 125 -12.86 13.81 -4.63
N ALA B 126 -13.13 12.63 -4.09
CA ALA B 126 -13.48 11.43 -4.83
C ALA B 126 -14.99 11.28 -4.86
N PRO B 127 -15.52 10.42 -5.74
CA PRO B 127 -16.97 10.18 -5.74
C PRO B 127 -17.47 9.72 -4.38
N GLU B 128 -18.76 9.96 -4.13
CA GLU B 128 -19.33 9.76 -2.80
C GLU B 128 -19.23 8.31 -2.35
N GLU B 129 -19.39 7.37 -3.28
CA GLU B 129 -19.24 5.96 -2.93
C GLU B 129 -17.78 5.62 -2.65
N GLU B 130 -16.86 6.13 -3.48
CA GLU B 130 -15.43 5.97 -3.20
C GLU B 130 -14.97 6.82 -2.02
N ARG B 131 -15.83 7.68 -1.49
CA ARG B 131 -15.48 8.50 -0.33
C ARG B 131 -15.75 7.76 0.97
N LEU B 132 -17.00 7.33 1.19
CA LEU B 132 -17.32 6.57 2.39
C LEU B 132 -16.63 5.22 2.41
N LYS B 133 -16.33 4.65 1.23
CA LYS B 133 -15.60 3.39 1.18
C LYS B 133 -14.21 3.55 1.80
N ALA B 134 -13.57 4.70 1.57
CA ALA B 134 -12.30 4.99 2.22
C ALA B 134 -12.50 5.30 3.70
N ILE B 135 -13.59 6.00 4.05
CA ILE B 135 -13.88 6.29 5.45
C ILE B 135 -14.08 5.01 6.23
N ALA B 136 -14.75 4.02 5.62
CA ALA B 136 -14.92 2.73 6.26
C ALA B 136 -13.57 2.07 6.53
N ILE B 137 -12.68 2.09 5.54
CA ILE B 137 -11.34 1.53 5.71
C ILE B 137 -10.58 2.29 6.79
N ALA B 138 -10.75 3.62 6.82
CA ALA B 138 -10.08 4.41 7.84
C ALA B 138 -10.64 4.13 9.23
N ILE B 139 -11.96 3.99 9.34
CA ILE B 139 -12.57 3.65 10.62
C ILE B 139 -12.13 2.26 11.07
N ILE B 140 -11.98 1.34 10.11
CA ILE B 140 -11.59 -0.03 10.45
C ILE B 140 -10.17 -0.07 10.99
N ARG B 141 -9.23 0.59 10.30
CA ARG B 141 -7.83 0.55 10.71
C ARG B 141 -7.64 1.13 12.11
N SER B 142 -8.38 2.19 12.43
CA SER B 142 -8.30 2.77 13.76
C SER B 142 -8.74 1.77 14.83
N VAL B 143 -9.84 1.04 14.57
CA VAL B 143 -10.27 0.02 15.51
C VAL B 143 -9.28 -1.14 15.53
N LEU B 144 -8.70 -1.47 14.38
CA LEU B 144 -7.77 -2.59 14.32
C LEU B 144 -6.50 -2.29 15.10
N VAL B 145 -5.86 -1.16 14.82
CA VAL B 145 -4.65 -0.80 15.56
C VAL B 145 -4.96 -0.61 17.04
N LEU B 146 -6.20 -0.25 17.36
CA LEU B 146 -6.61 -0.20 18.76
C LEU B 146 -6.56 -1.58 19.38
N ILE B 147 -7.02 -2.60 18.65
CA ILE B 147 -7.00 -3.97 19.15
C ILE B 147 -5.56 -4.41 19.41
N LYS B 148 -4.67 -4.15 18.45
CA LYS B 148 -3.28 -4.54 18.62
C LYS B 148 -2.65 -3.84 19.83
N TRP B 149 -2.81 -2.52 19.90
CA TRP B 149 -2.27 -1.76 21.03
C TRP B 149 -2.92 -2.19 22.34
N GLU B 150 -4.24 -2.36 22.34
CA GLU B 150 -4.97 -2.80 23.52
C GLU B 150 -5.16 -4.31 23.55
N GLY B 151 -4.13 -5.08 23.24
CA GLY B 151 -4.22 -6.53 23.26
C GLY B 151 -3.88 -7.20 21.94
N ASP B 154 -8.59 -14.73 18.15
CA ASP B 154 -8.42 -13.32 18.50
C ASP B 154 -7.38 -12.68 17.60
N GLU B 155 -6.35 -13.44 17.26
CA GLU B 155 -5.31 -12.95 16.37
C GLU B 155 -5.56 -13.33 14.92
N GLU B 156 -6.20 -14.47 14.68
CA GLU B 156 -6.56 -14.84 13.31
C GLU B 156 -7.59 -13.88 12.73
N THR B 157 -8.56 -13.46 13.55
CA THR B 157 -9.53 -12.47 13.08
C THR B 157 -8.86 -11.17 12.69
N ILE B 158 -7.80 -10.79 13.43
CA ILE B 158 -6.99 -9.64 13.02
C ILE B 158 -6.28 -9.94 11.71
N GLU B 159 -5.71 -11.15 11.59
CA GLU B 159 -5.10 -11.58 10.34
C GLU B 159 -6.15 -11.81 9.25
N GLU B 160 -7.41 -12.04 9.63
CA GLU B 160 -8.48 -12.12 8.65
C GLU B 160 -8.90 -10.73 8.17
N ILE B 161 -8.85 -9.73 9.05
CA ILE B 161 -9.22 -8.38 8.66
C ILE B 161 -8.15 -7.78 7.75
N GLU B 162 -6.87 -8.07 8.01
CA GLU B 162 -5.82 -7.53 7.16
C GLU B 162 -5.87 -8.14 5.76
N GLU B 163 -6.41 -9.35 5.63
CA GLU B 163 -6.68 -9.90 4.30
C GLU B 163 -7.76 -9.10 3.58
N ILE B 164 -8.71 -8.55 4.34
CA ILE B 164 -9.73 -7.67 3.76
C ILE B 164 -9.14 -6.33 3.37
N LEU B 165 -8.02 -5.93 3.96
CA LEU B 165 -7.47 -4.60 3.72
C LEU B 165 -6.67 -4.52 2.43
N GLU B 166 -6.10 -5.65 1.96
CA GLU B 166 -5.36 -5.64 0.71
C GLU B 166 -6.25 -5.23 -0.46
N ASN B 167 -7.33 -5.97 -0.66
CA ASN B 167 -8.32 -5.66 -1.68
C ASN B 167 -9.33 -4.61 -1.21
N ARG B 168 -8.87 -3.59 -0.48
CA ARG B 168 -9.76 -2.58 0.06
C ARG B 168 -10.58 -1.88 -1.03
N GLU B 169 -10.16 -1.98 -2.29
CA GLU B 169 -10.85 -1.38 -3.42
C GLU B 169 -11.89 -2.31 -4.02
N ASN B 170 -11.60 -3.61 -4.09
CA ASN B 170 -12.53 -4.60 -4.65
C ASN B 170 -13.58 -5.05 -3.64
N LEU B 171 -14.09 -4.14 -2.82
CA LEU B 171 -15.06 -4.48 -1.80
C LEU B 171 -16.18 -3.44 -1.79
N SER B 172 -17.39 -3.92 -1.50
CA SER B 172 -18.53 -3.05 -1.34
C SER B 172 -18.64 -2.58 0.10
N LEU B 173 -19.38 -1.49 0.31
CA LEU B 173 -19.48 -0.90 1.64
C LEU B 173 -20.13 -1.85 2.62
N GLU B 174 -21.15 -2.58 2.19
CA GLU B 174 -21.84 -3.52 3.07
C GLU B 174 -20.88 -4.57 3.63
N GLU B 175 -19.85 -4.93 2.87
CA GLU B 175 -18.84 -5.84 3.40
C GLU B 175 -17.89 -5.14 4.36
N LEU B 176 -17.63 -3.85 4.14
CA LEU B 176 -16.75 -3.10 5.03
C LEU B 176 -17.44 -2.80 6.35
N ARG B 177 -18.70 -2.36 6.31
CA ARG B 177 -19.44 -2.15 7.54
C ARG B 177 -19.59 -3.46 8.30
N GLU B 178 -19.81 -4.56 7.58
CA GLU B 178 -19.78 -5.88 8.21
C GLU B 178 -18.41 -6.15 8.82
N ALA B 179 -17.34 -5.81 8.10
CA ALA B 179 -16.00 -5.98 8.65
C ALA B 179 -15.77 -5.04 9.83
N TYR B 180 -16.30 -3.82 9.75
CA TYR B 180 -16.24 -2.92 10.89
C TYR B 180 -16.96 -3.51 12.10
N VAL B 181 -18.07 -4.21 11.87
CA VAL B 181 -18.76 -4.88 12.96
C VAL B 181 -17.83 -5.89 13.63
N ARG B 182 -17.11 -6.68 12.81
CA ARG B 182 -16.19 -7.67 13.35
C ARG B 182 -15.10 -7.01 14.17
N ALA B 183 -14.49 -5.95 13.64
CA ALA B 183 -13.44 -5.25 14.37
C ALA B 183 -13.99 -4.57 15.61
N GLU B 184 -15.21 -4.02 15.52
CA GLU B 184 -15.82 -3.37 16.68
C GLU B 184 -16.04 -4.37 17.81
N ILE B 185 -16.62 -5.53 17.49
CA ILE B 185 -16.83 -6.57 18.50
C ILE B 185 -15.50 -6.96 19.14
N ALA B 186 -14.52 -7.31 18.31
CA ALA B 186 -13.23 -7.77 18.83
C ALA B 186 -12.58 -6.74 19.75
N TYR B 187 -12.85 -5.45 19.51
CA TYR B 187 -12.34 -4.43 20.42
C TYR B 187 -13.20 -4.32 21.67
N LEU B 188 -14.52 -4.45 21.53
CA LEU B 188 -15.42 -4.32 22.67
C LEU B 188 -15.16 -5.40 23.71
N ILE B 189 -14.77 -6.61 23.27
CA ILE B 189 -14.48 -7.68 24.22
C ILE B 189 -13.21 -7.38 25.00
N GLU B 190 -12.15 -6.96 24.29
CA GLU B 190 -10.85 -6.79 24.93
C GLU B 190 -10.85 -5.62 25.91
N SER B 191 -11.71 -4.63 25.70
CA SER B 191 -11.80 -3.50 26.61
C SER B 191 -12.99 -3.65 27.56
N PRO B 195 -17.72 -6.01 26.43
CA PRO B 195 -18.57 -6.68 27.41
C PRO B 195 -19.03 -8.05 26.94
N GLU B 196 -19.83 -8.74 27.75
CA GLU B 196 -20.43 -9.99 27.31
C GLU B 196 -21.54 -9.76 26.29
N ALA B 197 -22.18 -8.59 26.34
CA ALA B 197 -23.17 -8.24 25.33
C ALA B 197 -22.52 -8.10 23.95
N ALA B 198 -21.24 -7.72 23.92
CA ALA B 198 -20.52 -7.66 22.65
C ALA B 198 -20.39 -9.04 22.02
N LYS B 199 -20.28 -10.08 22.84
CA LYS B 199 -20.18 -11.43 22.30
C LYS B 199 -21.51 -11.90 21.71
N LYS B 200 -22.63 -11.44 22.27
CA LYS B 200 -23.93 -11.76 21.68
C LYS B 200 -24.06 -11.17 20.28
N VAL B 201 -23.39 -10.04 20.04
CA VAL B 201 -23.36 -9.46 18.70
C VAL B 201 -22.53 -10.34 17.76
N ARG B 202 -21.46 -10.94 18.29
CA ARG B 202 -20.70 -11.91 17.50
C ARG B 202 -21.57 -13.11 17.13
N GLU B 203 -22.42 -13.56 18.05
CA GLU B 203 -23.35 -14.64 17.74
C GLU B 203 -24.37 -14.19 16.69
N LYS B 204 -24.92 -12.98 16.85
CA LYS B 204 -25.87 -12.47 15.88
C LYS B 204 -25.21 -12.22 14.52
N TYR B 205 -23.92 -11.89 14.52
CA TYR B 205 -23.19 -11.81 13.25
C TYR B 205 -23.18 -13.15 12.54
N GLU B 206 -23.08 -14.24 13.31
CA GLU B 206 -23.06 -15.58 12.74
C GLU B 206 -24.46 -16.10 12.43
N ARG B 207 -25.49 -15.60 13.12
CA ARG B 207 -26.87 -15.97 12.84
C ARG B 207 -27.49 -15.07 11.76
N GLY B 208 -26.68 -14.31 11.03
CA GLY B 208 -27.17 -13.52 9.94
C GLY B 208 -28.12 -12.41 10.33
N ALA B 209 -27.94 -11.84 11.52
CA ALA B 209 -28.78 -10.72 11.93
C ALA B 209 -28.53 -9.53 11.00
N PRO B 210 -29.56 -8.71 10.76
CA PRO B 210 -29.38 -7.56 9.87
C PRO B 210 -28.30 -6.62 10.39
N LEU B 211 -27.55 -6.02 9.45
CA LEU B 211 -26.44 -5.17 9.83
C LEU B 211 -26.91 -3.91 10.55
N GLU B 212 -28.05 -3.36 10.12
CA GLU B 212 -28.58 -2.17 10.80
C GLU B 212 -28.94 -2.48 12.24
N GLU B 213 -29.44 -3.69 12.51
CA GLU B 213 -29.67 -4.11 13.88
C GLU B 213 -28.34 -4.32 14.60
N LEU B 214 -27.37 -4.94 13.92
CA LEU B 214 -26.04 -5.08 14.50
C LEU B 214 -25.42 -3.71 14.78
N LEU B 215 -25.43 -2.83 13.78
CA LEU B 215 -24.87 -1.49 13.97
C LEU B 215 -25.59 -0.75 15.09
N LYS B 216 -26.93 -0.80 15.08
CA LYS B 216 -27.69 -0.20 16.18
C LYS B 216 -27.29 -0.80 17.51
N ASP B 217 -27.27 -2.14 17.60
CA ASP B 217 -26.76 -2.78 18.80
C ASP B 217 -25.33 -2.37 19.08
N ILE B 218 -24.50 -2.28 18.04
CA ILE B 218 -23.14 -1.78 18.23
C ILE B 218 -23.16 -0.36 18.78
N GLU B 219 -23.99 0.51 18.19
CA GLU B 219 -24.12 1.86 18.71
C GLU B 219 -24.65 1.85 20.15
N LYS B 220 -25.63 0.98 20.42
CA LYS B 220 -26.13 0.85 21.78
C LYS B 220 -25.05 0.30 22.72
N ILE B 221 -24.16 -0.54 22.19
CA ILE B 221 -23.03 -0.99 23.00
C ILE B 221 -22.03 0.15 23.17
N GLU B 222 -21.85 0.98 22.15
CA GLU B 222 -20.97 2.13 22.30
C GLU B 222 -21.42 3.06 23.42
N LYS B 223 -22.70 2.98 23.80
CA LYS B 223 -23.26 3.75 24.91
C LYS B 223 -22.75 3.29 26.28
N GLU B 224 -22.06 2.14 26.36
CA GLU B 224 -21.56 1.58 27.62
C GLU B 224 -20.97 2.66 28.54
N ALA B 225 -20.20 3.58 27.97
CA ALA B 225 -19.62 4.68 28.73
C ALA B 225 -20.58 5.86 28.74
#